data_5EUI
#
_entry.id   5EUI
#
_cell.length_a   63.350
_cell.length_b   91.412
_cell.length_c   103.537
_cell.angle_alpha   90.00
_cell.angle_beta   90.00
_cell.angle_gamma   90.00
#
_symmetry.space_group_name_H-M   'C 2 2 21'
#
loop_
_entity.id
_entity.type
_entity.pdbx_description
1 polymer 'HBA protein'
2 polymer 'HBB protein'
3 non-polymer 'PROTOPORPHYRIN IX CONTAINING FE'
4 water water
#
loop_
_entity_poly.entity_id
_entity_poly.type
_entity_poly.pdbx_seq_one_letter_code
_entity_poly.pdbx_strand_id
1 'polypeptide(L)'
;VLSPADKANVKAAWGKVGGHAGEYGAEALDRMFLSFPTTKTYFPHFDMSHGSAQVKAHGKKVADALTQAVDHLDDLPGAL
SALSDLHAHKLRVDPVNFKLLAHCLLVTLANHHPNEFTPAVHASLDKFLASVSTVLTSKYR
;
A
2 'polypeptide(L)'
;VHLSGEEKAAVTALWGKVNVDEVGGETLGRLLVVYPWTQRFFETFGDLSSASAVMGNAKVKAHGKKVMNAFSEGLHHLDN
LKGTFAKLSELHCDKLHVDPENFKLLGNVLVVVLSHHLGGEFTPQAQAAWQKVVSGVANALAHKYH
;
B
#
# COMPACT_ATOMS: atom_id res chain seq x y z
N ASP A 6 -19.07 14.55 -4.40
CA ASP A 6 -18.27 13.35 -4.22
C ASP A 6 -17.43 13.03 -5.45
N LYS A 7 -18.06 12.94 -6.62
CA LYS A 7 -17.34 12.58 -7.83
C LYS A 7 -16.35 13.66 -8.29
N ALA A 8 -16.54 14.88 -7.82
CA ALA A 8 -15.60 15.96 -8.10
C ALA A 8 -14.35 15.86 -7.22
N ASN A 9 -14.51 15.37 -6.00
CA ASN A 9 -13.44 15.37 -5.00
C ASN A 9 -12.36 14.28 -5.21
N VAL A 10 -12.78 13.06 -5.55
CA VAL A 10 -11.85 12.04 -5.99
C VAL A 10 -11.21 12.55 -7.28
N LYS A 11 -12.01 13.17 -8.15
CA LYS A 11 -11.46 13.74 -9.38
C LYS A 11 -10.40 14.79 -9.07
N ALA A 12 -10.73 15.68 -8.13
CA ALA A 12 -9.78 16.70 -7.68
C ALA A 12 -8.51 16.08 -7.11
N ALA A 13 -8.67 15.13 -6.20
CA ALA A 13 -7.54 14.47 -5.55
C ALA A 13 -6.63 13.78 -6.55
N TRP A 14 -7.22 13.14 -7.54
CA TRP A 14 -6.44 12.42 -8.56
C TRP A 14 -5.46 13.35 -9.27
N GLY A 15 -5.96 14.50 -9.70
CA GLY A 15 -5.13 15.47 -10.36
C GLY A 15 -4.08 16.04 -9.43
N LYS A 16 -4.46 16.29 -8.18
CA LYS A 16 -3.56 16.96 -7.25
C LYS A 16 -2.35 16.11 -6.86
N VAL A 17 -2.49 14.79 -6.95
CA VAL A 17 -1.35 13.94 -6.66
C VAL A 17 -0.66 13.45 -7.93
N GLY A 18 -1.04 14.01 -9.06
CA GLY A 18 -0.36 13.74 -10.33
C GLY A 18 -0.76 12.44 -11.00
N GLY A 19 -2.00 12.00 -10.74
CA GLY A 19 -2.49 10.75 -11.29
C GLY A 19 -2.55 10.72 -12.80
N HIS A 20 -2.58 11.90 -13.42
CA HIS A 20 -2.55 12.03 -14.88
C HIS A 20 -1.23 11.61 -15.50
N ALA A 21 -0.16 11.55 -14.69
CA ALA A 21 1.18 11.46 -15.23
C ALA A 21 1.58 10.04 -15.63
N GLY A 22 1.91 9.85 -16.90
CA GLY A 22 2.32 8.55 -17.40
C GLY A 22 3.55 8.02 -16.69
N GLU A 23 4.45 8.94 -16.35
CA GLU A 23 5.65 8.61 -15.63
C GLU A 23 5.35 7.98 -14.27
N TYR A 24 4.26 8.38 -13.65
CA TYR A 24 3.90 7.78 -12.37
C TYR A 24 3.27 6.41 -12.57
N GLY A 25 2.52 6.24 -13.66
CA GLY A 25 2.06 4.92 -14.06
C GLY A 25 3.22 3.98 -14.29
N ALA A 26 4.26 4.47 -14.97
CA ALA A 26 5.44 3.68 -15.28
C ALA A 26 6.19 3.31 -14.01
N GLU A 27 6.30 4.26 -13.07
CA GLU A 27 6.95 3.98 -11.79
C GLU A 27 6.16 2.96 -10.96
N ALA A 28 4.84 3.05 -10.99
CA ALA A 28 4.00 2.09 -10.27
C ALA A 28 4.22 0.68 -10.81
N LEU A 29 4.28 0.54 -12.13
CA LEU A 29 4.58 -0.75 -12.76
C LEU A 29 5.97 -1.25 -12.37
N ASP A 30 6.96 -0.38 -12.45
CA ASP A 30 8.32 -0.74 -12.04
C ASP A 30 8.33 -1.23 -10.59
N ARG A 31 7.66 -0.49 -9.71
CA ARG A 31 7.58 -0.91 -8.31
C ARG A 31 6.91 -2.27 -8.18
N MET A 32 5.84 -2.49 -8.93
CA MET A 32 5.12 -3.76 -8.86
C MET A 32 5.98 -4.92 -9.34
N PHE A 33 6.65 -4.73 -10.47
CA PHE A 33 7.48 -5.79 -11.03
C PHE A 33 8.62 -6.17 -10.10
N LEU A 34 9.20 -5.18 -9.44
CA LEU A 34 10.32 -5.41 -8.54
C LEU A 34 9.89 -6.01 -7.20
N SER A 35 8.80 -5.52 -6.63
CA SER A 35 8.32 -6.02 -5.32
C SER A 35 7.60 -7.36 -5.44
N PHE A 36 6.94 -7.56 -6.57
CA PHE A 36 6.09 -8.73 -6.75
C PHE A 36 6.39 -9.39 -8.08
N PRO A 37 7.50 -10.13 -8.16
CA PRO A 37 8.01 -10.64 -9.44
C PRO A 37 7.02 -11.49 -10.22
N THR A 38 6.06 -12.14 -9.55
CA THR A 38 5.09 -12.93 -10.28
C THR A 38 4.27 -12.10 -11.26
N THR A 39 4.11 -10.81 -10.99
CA THR A 39 3.32 -9.97 -11.89
C THR A 39 3.98 -9.84 -13.28
N LYS A 40 5.28 -10.06 -13.35
CA LYS A 40 5.98 -9.98 -14.63
C LYS A 40 5.53 -11.06 -15.60
N THR A 41 4.93 -12.12 -15.11
CA THR A 41 4.60 -13.22 -16.01
C THR A 41 3.46 -12.87 -16.97
N TYR A 42 2.77 -11.76 -16.69
CA TYR A 42 1.75 -11.25 -17.60
C TYR A 42 2.35 -10.41 -18.74
N PHE A 43 3.63 -10.07 -18.63
CA PHE A 43 4.27 -9.24 -19.63
C PHE A 43 5.55 -9.86 -20.22
N PRO A 44 5.46 -11.12 -20.72
CA PRO A 44 6.66 -11.76 -21.26
C PRO A 44 7.17 -11.06 -22.53
N HIS A 45 6.30 -10.29 -23.17
CA HIS A 45 6.66 -9.57 -24.39
C HIS A 45 7.35 -8.23 -24.11
N PHE A 46 7.46 -7.87 -22.83
CA PHE A 46 8.04 -6.58 -22.46
C PHE A 46 9.53 -6.71 -22.17
N ASP A 47 10.31 -5.77 -22.68
CA ASP A 47 11.65 -5.58 -22.16
C ASP A 47 11.50 -4.99 -20.78
N MET A 48 12.21 -5.59 -19.82
CA MET A 48 12.11 -5.18 -18.43
C MET A 48 13.29 -4.30 -18.02
N SER A 49 14.22 -4.06 -18.96
CA SER A 49 15.37 -3.18 -18.72
C SER A 49 14.90 -1.85 -18.17
N HIS A 50 15.60 -1.33 -17.16
CA HIS A 50 15.07 -0.29 -16.28
C HIS A 50 14.37 0.89 -16.96
N GLY A 51 14.97 1.44 -18.02
CA GLY A 51 14.38 2.58 -18.70
C GLY A 51 13.47 2.16 -19.84
N SER A 52 12.88 0.98 -19.72
CA SER A 52 12.10 0.34 -20.78
C SER A 52 11.13 1.27 -21.50
N ALA A 53 11.26 1.37 -22.80
CA ALA A 53 10.31 2.14 -23.61
C ALA A 53 8.90 1.54 -23.46
N GLN A 54 8.84 0.23 -23.38
CA GLN A 54 7.57 -0.47 -23.24
C GLN A 54 6.88 -0.15 -21.90
N VAL A 55 7.65 -0.17 -20.82
CA VAL A 55 7.06 0.17 -19.52
C VAL A 55 6.61 1.63 -19.49
N LYS A 56 7.39 2.52 -20.10
CA LYS A 56 7.00 3.92 -20.17
C LYS A 56 5.67 4.09 -20.91
N ALA A 57 5.56 3.44 -22.06
CA ALA A 57 4.35 3.56 -22.86
C ALA A 57 3.16 2.93 -22.13
N HIS A 58 3.41 1.81 -21.45
CA HIS A 58 2.32 1.15 -20.74
C HIS A 58 1.89 1.98 -19.52
N GLY A 59 2.86 2.62 -18.87
CA GLY A 59 2.54 3.50 -17.76
C GLY A 59 1.58 4.61 -18.16
N LYS A 60 1.82 5.18 -19.35
CA LYS A 60 0.91 6.16 -19.90
C LYS A 60 -0.47 5.58 -20.20
N LYS A 61 -0.54 4.38 -20.75
CA LYS A 61 -1.83 3.74 -21.00
C LYS A 61 -2.62 3.61 -19.70
N VAL A 62 -1.95 3.16 -18.64
CA VAL A 62 -2.63 2.95 -17.36
C VAL A 62 -3.06 4.28 -16.75
N ALA A 63 -2.16 5.25 -16.73
CA ALA A 63 -2.51 6.56 -16.21
C ALA A 63 -3.67 7.21 -16.97
N ASP A 64 -3.62 7.11 -18.29
CA ASP A 64 -4.65 7.71 -19.13
C ASP A 64 -5.99 7.03 -18.88
N ALA A 65 -5.99 5.71 -18.75
CA ALA A 65 -7.24 5.00 -18.51
C ALA A 65 -7.83 5.35 -17.15
N LEU A 66 -6.99 5.46 -16.12
CA LEU A 66 -7.51 5.82 -14.80
C LEU A 66 -8.00 7.27 -14.78
N THR A 67 -7.29 8.15 -15.49
CA THR A 67 -7.68 9.55 -15.54
C THR A 67 -9.02 9.73 -16.26
N GLN A 68 -9.24 8.95 -17.31
CA GLN A 68 -10.55 8.95 -17.97
C GLN A 68 -11.63 8.45 -17.02
N ALA A 69 -11.32 7.37 -16.29
CA ALA A 69 -12.28 6.76 -15.39
C ALA A 69 -12.75 7.71 -14.28
N VAL A 70 -11.90 8.64 -13.84
CA VAL A 70 -12.30 9.56 -12.77
C VAL A 70 -13.43 10.49 -13.22
N ASP A 71 -13.61 10.62 -14.53
CA ASP A 71 -14.70 11.43 -15.10
C ASP A 71 -15.98 10.62 -15.23
N HIS A 72 -15.95 9.36 -14.83
CA HIS A 72 -17.08 8.46 -15.07
C HIS A 72 -17.37 7.59 -13.87
N LEU A 73 -17.27 8.18 -12.68
CA LEU A 73 -17.47 7.46 -11.43
C LEU A 73 -18.90 6.99 -11.26
N ASP A 74 -19.82 7.62 -11.98
CA ASP A 74 -21.23 7.25 -11.95
C ASP A 74 -21.50 5.96 -12.72
N ASP A 75 -20.61 5.62 -13.64
CA ASP A 75 -20.75 4.38 -14.41
C ASP A 75 -19.41 3.81 -14.89
N LEU A 76 -18.63 3.28 -13.95
CA LEU A 76 -17.37 2.64 -14.28
C LEU A 76 -17.51 1.38 -15.15
N PRO A 77 -18.53 0.52 -14.89
CA PRO A 77 -18.64 -0.64 -15.78
C PRO A 77 -18.76 -0.27 -17.25
N GLY A 78 -19.52 0.77 -17.56
CA GLY A 78 -19.64 1.24 -18.93
C GLY A 78 -18.35 1.84 -19.48
N ALA A 79 -17.71 2.70 -18.69
CA ALA A 79 -16.49 3.37 -19.12
C ALA A 79 -15.35 2.37 -19.38
N LEU A 80 -15.34 1.28 -18.63
CA LEU A 80 -14.23 0.34 -18.66
C LEU A 80 -14.54 -0.98 -19.36
N SER A 81 -15.66 -1.01 -20.08
CA SER A 81 -16.14 -2.21 -20.75
C SER A 81 -15.07 -3.00 -21.51
N ALA A 82 -14.36 -2.33 -22.41
CA ALA A 82 -13.35 -2.99 -23.22
C ALA A 82 -12.18 -3.48 -22.37
N LEU A 83 -11.80 -2.68 -21.38
CA LEU A 83 -10.68 -3.04 -20.52
C LEU A 83 -11.02 -4.22 -19.63
N SER A 84 -12.27 -4.30 -19.20
CA SER A 84 -12.77 -5.44 -18.42
C SER A 84 -12.68 -6.71 -19.25
N ASP A 85 -13.13 -6.63 -20.50
CA ASP A 85 -13.06 -7.78 -21.40
C ASP A 85 -11.62 -8.24 -21.54
N LEU A 86 -10.71 -7.29 -21.76
CA LEU A 86 -9.31 -7.62 -21.94
C LEU A 86 -8.69 -8.29 -20.71
N HIS A 87 -8.91 -7.70 -19.53
CA HIS A 87 -8.25 -8.20 -18.33
C HIS A 87 -8.89 -9.46 -17.78
N ALA A 88 -10.21 -9.52 -17.82
CA ALA A 88 -10.94 -10.62 -17.20
C ALA A 88 -11.12 -11.79 -18.15
N HIS A 89 -11.59 -11.53 -19.37
CA HIS A 89 -11.88 -12.62 -20.29
C HIS A 89 -10.65 -13.09 -21.05
N LYS A 90 -9.88 -12.15 -21.60
CA LYS A 90 -8.75 -12.52 -22.44
C LYS A 90 -7.51 -12.85 -21.64
N LEU A 91 -7.07 -11.94 -20.76
CA LEU A 91 -5.82 -12.13 -20.03
C LEU A 91 -5.95 -12.97 -18.75
N ARG A 92 -7.16 -13.05 -18.20
CA ARG A 92 -7.42 -13.80 -16.96
C ARG A 92 -6.49 -13.39 -15.83
N VAL A 93 -6.36 -12.09 -15.61
CA VAL A 93 -5.49 -11.61 -14.56
C VAL A 93 -6.08 -11.97 -13.18
N ASP A 94 -5.27 -12.62 -12.36
CA ASP A 94 -5.70 -12.98 -11.01
C ASP A 94 -5.98 -11.68 -10.26
N PRO A 95 -7.13 -11.58 -9.57
CA PRO A 95 -7.50 -10.36 -8.83
C PRO A 95 -6.45 -9.89 -7.84
N VAL A 96 -5.60 -10.78 -7.32
CA VAL A 96 -4.57 -10.32 -6.36
C VAL A 96 -3.67 -9.27 -7.01
N ASN A 97 -3.48 -9.38 -8.31
CA ASN A 97 -2.56 -8.49 -9.01
C ASN A 97 -3.07 -7.05 -9.06
N PHE A 98 -4.38 -6.87 -9.15
CA PHE A 98 -4.93 -5.52 -9.11
C PHE A 98 -4.67 -4.87 -7.77
N LYS A 99 -4.72 -5.64 -6.69
CA LYS A 99 -4.42 -5.08 -5.38
C LYS A 99 -2.93 -4.67 -5.31
N LEU A 100 -2.05 -5.44 -5.94
CA LEU A 100 -0.64 -5.09 -5.95
C LEU A 100 -0.40 -3.81 -6.74
N LEU A 101 -1.01 -3.70 -7.92
CA LEU A 101 -0.80 -2.47 -8.70
C LEU A 101 -1.42 -1.26 -8.02
N ALA A 102 -2.61 -1.39 -7.44
CA ALA A 102 -3.23 -0.28 -6.75
C ALA A 102 -2.35 0.22 -5.61
N HIS A 103 -1.81 -0.72 -4.85
CA HIS A 103 -0.90 -0.37 -3.76
C HIS A 103 0.33 0.35 -4.28
N CYS A 104 0.92 -0.14 -5.37
CA CYS A 104 2.10 0.51 -5.92
C CYS A 104 1.79 1.89 -6.50
N LEU A 105 0.59 2.10 -7.03
CA LEU A 105 0.17 3.42 -7.47
C LEU A 105 0.08 4.36 -6.26
N LEU A 106 -0.56 3.91 -5.18
CA LEU A 106 -0.62 4.76 -3.97
C LEU A 106 0.79 5.07 -3.46
N VAL A 107 1.67 4.08 -3.45
CA VAL A 107 3.06 4.30 -3.02
C VAL A 107 3.73 5.39 -3.87
N THR A 108 3.48 5.34 -5.18
CA THR A 108 4.10 6.27 -6.12
C THR A 108 3.58 7.69 -5.93
N LEU A 109 2.25 7.83 -5.80
CA LEU A 109 1.63 9.13 -5.70
C LEU A 109 2.02 9.79 -4.37
N ALA A 110 2.03 8.99 -3.30
CA ALA A 110 2.49 9.46 -1.99
C ALA A 110 3.94 9.92 -2.05
N ASN A 111 4.75 9.19 -2.81
CA ASN A 111 6.17 9.48 -2.91
C ASN A 111 6.44 10.88 -3.43
N HIS A 112 5.73 11.27 -4.47
CA HIS A 112 6.02 12.51 -5.17
C HIS A 112 5.24 13.69 -4.61
N HIS A 113 4.05 13.46 -4.08
CA HIS A 113 3.22 14.58 -3.64
C HIS A 113 2.63 14.32 -2.26
N PRO A 114 3.51 14.13 -1.25
CA PRO A 114 3.00 13.77 0.07
C PRO A 114 2.08 14.84 0.66
N ASN A 115 2.34 16.10 0.34
CA ASN A 115 1.53 17.18 0.86
C ASN A 115 0.06 17.10 0.38
N GLU A 116 -0.14 16.59 -0.83
CA GLU A 116 -1.48 16.44 -1.38
C GLU A 116 -2.09 15.08 -1.02
N PHE A 117 -1.22 14.13 -0.68
CA PHE A 117 -1.65 12.78 -0.36
C PHE A 117 -1.99 12.68 1.13
N THR A 118 -3.04 13.39 1.53
CA THR A 118 -3.50 13.40 2.90
C THR A 118 -4.14 12.06 3.25
N PRO A 119 -4.39 11.80 4.54
CA PRO A 119 -5.15 10.58 4.88
C PRO A 119 -6.52 10.50 4.18
N ALA A 120 -7.22 11.63 4.08
CA ALA A 120 -8.52 11.64 3.39
C ALA A 120 -8.39 11.31 1.92
N VAL A 121 -7.37 11.87 1.27
CA VAL A 121 -7.14 11.61 -0.15
C VAL A 121 -6.72 10.16 -0.38
N HIS A 122 -5.86 9.66 0.50
CA HIS A 122 -5.45 8.27 0.54
C HIS A 122 -6.68 7.34 0.58
N ALA A 123 -7.63 7.63 1.47
CA ALA A 123 -8.83 6.83 1.60
C ALA A 123 -9.66 6.88 0.31
N SER A 124 -9.81 8.07 -0.25
CA SER A 124 -10.64 8.24 -1.43
C SER A 124 -10.04 7.53 -2.63
N LEU A 125 -8.73 7.67 -2.79
CA LEU A 125 -8.08 7.06 -3.92
C LEU A 125 -7.98 5.55 -3.77
N ASP A 126 -7.85 5.07 -2.54
CA ASP A 126 -7.88 3.62 -2.35
C ASP A 126 -9.23 3.06 -2.80
N LYS A 127 -10.31 3.76 -2.43
CA LYS A 127 -11.65 3.30 -2.80
C LYS A 127 -11.81 3.36 -4.32
N PHE A 128 -11.34 4.43 -4.93
CA PHE A 128 -11.41 4.57 -6.38
C PHE A 128 -10.69 3.40 -7.08
N LEU A 129 -9.44 3.15 -6.71
CA LEU A 129 -8.68 2.11 -7.36
C LEU A 129 -9.27 0.72 -7.11
N ALA A 130 -9.84 0.49 -5.92
CA ALA A 130 -10.52 -0.77 -5.65
C ALA A 130 -11.76 -0.94 -6.53
N SER A 131 -12.47 0.16 -6.74
CA SER A 131 -13.67 0.16 -7.59
C SER A 131 -13.33 -0.15 -9.02
N VAL A 132 -12.23 0.43 -9.51
CA VAL A 132 -11.78 0.15 -10.85
C VAL A 132 -11.39 -1.32 -10.96
N SER A 133 -10.65 -1.81 -9.97
CA SER A 133 -10.22 -3.20 -9.92
C SER A 133 -11.40 -4.18 -9.98
N THR A 134 -12.45 -3.88 -9.23
CA THR A 134 -13.64 -4.71 -9.22
C THR A 134 -14.26 -4.82 -10.63
N VAL A 135 -14.32 -3.69 -11.32
CA VAL A 135 -14.87 -3.68 -12.68
C VAL A 135 -13.97 -4.46 -13.63
N LEU A 136 -12.66 -4.25 -13.55
CA LEU A 136 -11.73 -4.92 -14.44
C LEU A 136 -11.62 -6.43 -14.21
N THR A 137 -12.04 -6.88 -13.02
CA THR A 137 -11.97 -8.29 -12.67
C THR A 137 -13.25 -9.01 -13.00
N SER A 138 -14.24 -8.24 -13.44
CA SER A 138 -15.53 -8.81 -13.78
C SER A 138 -15.59 -9.16 -15.25
N LYS A 139 -15.87 -10.45 -15.53
CA LYS A 139 -15.99 -11.03 -16.87
C LYS A 139 -15.44 -10.20 -18.02
N VAL B 1 10.44 -15.25 5.72
CA VAL B 1 11.02 -14.61 4.54
C VAL B 1 12.52 -14.39 4.76
N HIS B 2 13.30 -14.45 3.68
CA HIS B 2 14.73 -14.24 3.79
C HIS B 2 15.17 -12.94 3.11
N LEU B 3 15.83 -12.09 3.89
CA LEU B 3 16.48 -10.90 3.34
C LEU B 3 17.97 -11.17 3.22
N SER B 4 18.56 -10.73 2.12
CA SER B 4 20.02 -10.83 1.96
C SER B 4 20.71 -9.81 2.86
N GLY B 5 22.02 -9.94 3.00
CA GLY B 5 22.78 -8.99 3.81
C GLY B 5 22.60 -7.57 3.33
N GLU B 6 22.56 -7.40 2.01
CA GLU B 6 22.43 -6.09 1.41
C GLU B 6 21.02 -5.54 1.59
N GLU B 7 20.02 -6.41 1.47
CA GLU B 7 18.63 -6.03 1.74
C GLU B 7 18.47 -5.58 3.18
N LYS B 8 19.04 -6.35 4.11
CA LYS B 8 18.98 -6.01 5.53
C LYS B 8 19.66 -4.67 5.81
N ALA B 9 20.85 -4.48 5.25
CA ALA B 9 21.59 -3.25 5.49
C ALA B 9 20.81 -2.07 4.95
N ALA B 10 20.15 -2.28 3.82
CA ALA B 10 19.40 -1.21 3.20
C ALA B 10 18.17 -0.82 4.03
N VAL B 11 17.43 -1.81 4.54
CA VAL B 11 16.24 -1.46 5.33
C VAL B 11 16.66 -0.81 6.65
N THR B 12 17.77 -1.27 7.22
CA THR B 12 18.35 -0.67 8.42
C THR B 12 18.73 0.81 8.23
N ALA B 13 19.47 1.09 7.16
CA ALA B 13 19.88 2.46 6.86
C ALA B 13 18.68 3.38 6.69
N LEU B 14 17.66 2.88 5.99
CA LEU B 14 16.52 3.72 5.66
C LEU B 14 15.68 4.02 6.89
N TRP B 15 15.47 3.01 7.73
CA TRP B 15 14.70 3.16 8.96
C TRP B 15 15.33 4.22 9.86
N GLY B 16 16.65 4.35 9.77
CA GLY B 16 17.39 5.30 10.60
C GLY B 16 17.16 6.74 10.20
N LYS B 17 16.67 6.94 8.98
CA LYS B 17 16.40 8.27 8.43
C LYS B 17 14.98 8.68 8.73
N VAL B 18 14.25 7.76 9.33
CA VAL B 18 12.83 7.93 9.56
C VAL B 18 12.54 8.55 10.92
N ASN B 19 11.63 9.50 10.95
CA ASN B 19 11.05 9.93 12.21
C ASN B 19 10.01 8.91 12.63
N VAL B 20 10.35 8.08 13.60
CA VAL B 20 9.50 6.97 14.03
C VAL B 20 8.18 7.46 14.62
N ASP B 21 8.21 8.58 15.35
CA ASP B 21 6.99 9.13 15.93
C ASP B 21 6.00 9.53 14.84
N GLU B 22 6.50 10.27 13.85
CA GLU B 22 5.66 10.70 12.76
C GLU B 22 5.16 9.49 11.96
N VAL B 23 6.05 8.55 11.64
CA VAL B 23 5.64 7.41 10.81
C VAL B 23 4.67 6.51 11.56
N GLY B 24 4.85 6.34 12.86
CA GLY B 24 3.92 5.53 13.65
C GLY B 24 2.54 6.12 13.73
N GLY B 25 2.46 7.42 14.00
CA GLY B 25 1.19 8.10 14.06
C GLY B 25 0.50 8.10 12.71
N GLU B 26 1.28 8.31 11.66
CA GLU B 26 0.75 8.36 10.32
C GLU B 26 0.20 6.99 9.92
N THR B 27 0.94 5.94 10.25
CA THR B 27 0.56 4.58 9.85
C THR B 27 -0.71 4.14 10.55
N LEU B 28 -0.75 4.26 11.87
CA LEU B 28 -1.96 3.81 12.58
C LEU B 28 -3.13 4.73 12.28
N GLY B 29 -2.90 6.03 12.16
CA GLY B 29 -3.97 6.94 11.79
C GLY B 29 -4.54 6.62 10.43
N ARG B 30 -3.68 6.42 9.43
CA ARG B 30 -4.16 6.08 8.10
C ARG B 30 -4.85 4.72 8.06
N LEU B 31 -4.39 3.75 8.85
CA LEU B 31 -5.10 2.48 8.95
C LEU B 31 -6.55 2.74 9.34
N LEU B 32 -6.75 3.58 10.37
CA LEU B 32 -8.09 3.82 10.89
C LEU B 32 -8.95 4.66 9.96
N VAL B 33 -8.33 5.55 9.18
CA VAL B 33 -9.07 6.37 8.24
C VAL B 33 -9.39 5.62 6.92
N VAL B 34 -8.40 4.89 6.41
CA VAL B 34 -8.55 4.21 5.12
C VAL B 34 -9.37 2.92 5.25
N TYR B 35 -9.28 2.26 6.41
CA TYR B 35 -9.97 0.99 6.66
C TYR B 35 -10.79 1.13 7.94
N PRO B 36 -11.93 1.81 7.83
CA PRO B 36 -12.59 2.30 9.05
C PRO B 36 -13.12 1.21 10.01
N TRP B 37 -13.29 -0.02 9.54
CA TRP B 37 -13.72 -1.08 10.44
C TRP B 37 -12.67 -1.34 11.50
N THR B 38 -11.42 -0.97 11.22
CA THR B 38 -10.39 -1.21 12.23
C THR B 38 -10.60 -0.35 13.47
N GLN B 39 -11.41 0.70 13.36
CA GLN B 39 -11.76 1.51 14.53
C GLN B 39 -12.45 0.72 15.62
N ARG B 40 -13.12 -0.36 15.26
CA ARG B 40 -13.80 -1.18 16.26
C ARG B 40 -12.86 -1.67 17.35
N PHE B 41 -11.60 -1.90 17.00
CA PHE B 41 -10.61 -2.42 17.94
C PHE B 41 -10.06 -1.37 18.87
N PHE B 42 -10.36 -0.12 18.58
CA PHE B 42 -9.69 1.00 19.28
C PHE B 42 -10.69 1.96 19.91
N GLU B 43 -11.86 1.45 20.27
CA GLU B 43 -12.90 2.27 20.89
C GLU B 43 -12.38 3.07 22.08
N THR B 44 -11.53 2.45 22.88
CA THR B 44 -11.08 3.10 24.11
C THR B 44 -10.19 4.30 23.86
N PHE B 45 -9.78 4.50 22.61
CA PHE B 45 -8.85 5.59 22.30
C PHE B 45 -9.55 6.92 22.20
N GLY B 46 -10.87 6.92 22.25
CA GLY B 46 -11.62 8.17 22.24
C GLY B 46 -12.16 8.61 20.89
N ASP B 47 -12.08 9.90 20.60
CA ASP B 47 -12.72 10.44 19.41
C ASP B 47 -11.98 10.03 18.15
N LEU B 48 -12.65 9.23 17.33
CA LEU B 48 -12.14 8.77 16.04
C LEU B 48 -13.15 9.11 14.94
N SER B 49 -13.99 10.11 15.21
CA SER B 49 -15.22 10.36 14.44
C SER B 49 -14.99 10.99 13.07
N SER B 50 -13.77 11.42 12.80
CA SER B 50 -13.41 12.02 11.52
C SER B 50 -11.93 11.82 11.24
N ALA B 51 -11.51 12.02 10.00
CA ALA B 51 -10.09 11.86 9.68
C ALA B 51 -9.21 12.79 10.53
N SER B 52 -9.66 14.02 10.71
CA SER B 52 -8.88 14.97 11.49
C SER B 52 -8.84 14.56 12.97
N ALA B 53 -9.95 14.05 13.49
CA ALA B 53 -9.97 13.56 14.87
C ALA B 53 -9.02 12.37 15.01
N VAL B 54 -9.05 11.45 14.05
CA VAL B 54 -8.15 10.29 14.13
C VAL B 54 -6.70 10.73 14.10
N MET B 55 -6.34 11.58 13.15
CA MET B 55 -4.94 11.98 12.99
C MET B 55 -4.46 12.90 14.11
N GLY B 56 -5.41 13.47 14.87
CA GLY B 56 -5.05 14.35 15.98
C GLY B 56 -5.17 13.69 17.35
N ASN B 57 -5.47 12.39 17.35
CA ASN B 57 -5.70 11.64 18.57
C ASN B 57 -4.37 11.18 19.18
N ALA B 58 -4.07 11.64 20.40
CA ALA B 58 -2.77 11.36 21.02
C ALA B 58 -2.58 9.88 21.36
N LYS B 59 -3.67 9.18 21.64
CA LYS B 59 -3.56 7.76 21.93
C LYS B 59 -3.27 6.96 20.68
N VAL B 60 -3.84 7.38 19.55
CA VAL B 60 -3.46 6.75 18.28
C VAL B 60 -1.98 6.96 18.01
N LYS B 61 -1.49 8.17 18.23
CA LYS B 61 -0.07 8.42 17.98
C LYS B 61 0.81 7.59 18.91
N ALA B 62 0.46 7.55 20.19
CA ALA B 62 1.29 6.80 21.14
C ALA B 62 1.27 5.30 20.83
N HIS B 63 0.10 4.80 20.46
CA HIS B 63 0.02 3.41 20.07
C HIS B 63 0.83 3.11 18.81
N GLY B 64 0.76 4.02 17.84
CA GLY B 64 1.56 3.88 16.62
C GLY B 64 3.03 3.77 16.93
N LYS B 65 3.51 4.51 17.92
CA LYS B 65 4.91 4.40 18.31
C LYS B 65 5.23 3.00 18.83
N LYS B 66 4.31 2.42 19.60
CA LYS B 66 4.54 1.08 20.11
C LYS B 66 4.59 0.05 18.98
N VAL B 67 3.72 0.24 17.99
CA VAL B 67 3.74 -0.64 16.82
C VAL B 67 5.06 -0.52 16.06
N MET B 68 5.56 0.72 15.89
CA MET B 68 6.84 0.89 15.22
C MET B 68 7.95 0.24 16.04
N ASN B 69 7.87 0.32 17.35
CA ASN B 69 8.91 -0.28 18.18
C ASN B 69 8.95 -1.79 17.97
N ALA B 70 7.80 -2.41 17.68
CA ALA B 70 7.72 -3.84 17.41
C ALA B 70 8.35 -4.19 16.05
N PHE B 71 8.14 -3.32 15.06
CA PHE B 71 8.80 -3.51 13.77
C PHE B 71 10.31 -3.46 13.96
N SER B 72 10.76 -2.57 14.84
CA SER B 72 12.19 -2.46 15.16
C SER B 72 12.75 -3.78 15.69
N GLU B 73 12.02 -4.41 16.60
CA GLU B 73 12.41 -5.73 17.11
C GLU B 73 12.51 -6.73 15.97
N GLY B 74 11.54 -6.68 15.06
CA GLY B 74 11.52 -7.56 13.91
C GLY B 74 12.75 -7.42 13.04
N LEU B 75 13.21 -6.19 12.81
CA LEU B 75 14.37 -5.94 11.96
C LEU B 75 15.65 -6.53 12.54
N HIS B 76 15.66 -6.75 13.84
CA HIS B 76 16.81 -7.37 14.50
C HIS B 76 16.71 -8.89 14.54
N HIS B 77 15.57 -9.42 14.11
CA HIS B 77 15.37 -10.87 14.10
C HIS B 77 14.65 -11.36 12.86
N LEU B 78 15.13 -10.94 11.70
CA LEU B 78 14.50 -11.30 10.44
C LEU B 78 14.60 -12.80 10.14
N ASP B 79 15.51 -13.49 10.83
CA ASP B 79 15.69 -14.92 10.62
C ASP B 79 14.79 -15.73 11.56
N ASN B 80 14.08 -15.04 12.46
CA ASN B 80 13.20 -15.70 13.42
C ASN B 80 12.05 -14.78 13.82
N LEU B 81 11.26 -14.36 12.84
CA LEU B 81 10.15 -13.46 13.13
C LEU B 81 9.06 -14.16 13.92
N LYS B 82 8.86 -15.45 13.63
CA LYS B 82 7.81 -16.20 14.33
C LYS B 82 8.04 -16.22 15.84
N GLY B 83 9.28 -16.49 16.24
CA GLY B 83 9.60 -16.52 17.66
C GLY B 83 9.48 -15.14 18.28
N THR B 84 10.00 -14.15 17.58
CA THR B 84 9.97 -12.76 18.01
C THR B 84 8.55 -12.25 18.27
N PHE B 85 7.62 -12.66 17.41
CA PHE B 85 6.25 -12.15 17.49
C PHE B 85 5.26 -13.13 18.10
N ALA B 86 5.75 -14.18 18.76
CA ALA B 86 4.87 -15.21 19.31
C ALA B 86 3.89 -14.67 20.34
N LYS B 87 4.37 -13.87 21.29
CA LYS B 87 3.47 -13.32 22.31
C LYS B 87 2.49 -12.32 21.69
N LEU B 88 2.96 -11.49 20.77
CA LEU B 88 2.09 -10.54 20.09
C LEU B 88 1.07 -11.24 19.22
N SER B 89 1.46 -12.38 18.64
CA SER B 89 0.52 -13.16 17.85
C SER B 89 -0.60 -13.70 18.73
N GLU B 90 -0.23 -14.23 19.89
CA GLU B 90 -1.20 -14.69 20.87
C GLU B 90 -2.15 -13.56 21.31
N LEU B 91 -1.60 -12.39 21.57
CA LEU B 91 -2.40 -11.23 21.94
C LEU B 91 -3.44 -10.89 20.87
N HIS B 92 -3.00 -10.77 19.63
CA HIS B 92 -3.89 -10.33 18.57
C HIS B 92 -4.93 -11.38 18.20
N CYS B 93 -4.56 -12.66 18.32
CA CYS B 93 -5.53 -13.73 18.06
C CYS B 93 -6.46 -13.98 19.24
N ASP B 94 -5.88 -14.44 20.34
CA ASP B 94 -6.68 -15.02 21.41
C ASP B 94 -7.34 -13.97 22.30
N LYS B 95 -6.77 -12.78 22.38
CA LYS B 95 -7.38 -11.73 23.18
C LYS B 95 -8.14 -10.71 22.34
N LEU B 96 -7.58 -10.29 21.22
CA LEU B 96 -8.13 -9.15 20.47
C LEU B 96 -8.98 -9.55 19.27
N HIS B 97 -8.79 -10.78 18.80
CA HIS B 97 -9.58 -11.32 17.70
C HIS B 97 -9.47 -10.47 16.44
N VAL B 98 -8.25 -10.08 16.11
CA VAL B 98 -8.01 -9.32 14.91
C VAL B 98 -7.82 -10.26 13.74
N ASP B 99 -8.65 -10.13 12.71
CA ASP B 99 -8.48 -11.00 11.55
C ASP B 99 -7.13 -10.73 10.91
N PRO B 100 -6.37 -11.79 10.60
CA PRO B 100 -4.99 -11.63 10.12
C PRO B 100 -4.87 -10.86 8.81
N GLU B 101 -5.94 -10.75 8.02
CA GLU B 101 -5.86 -9.95 6.81
C GLU B 101 -5.48 -8.50 7.16
N ASN B 102 -5.91 -8.04 8.33
CA ASN B 102 -5.59 -6.67 8.73
C ASN B 102 -4.10 -6.47 9.01
N PHE B 103 -3.36 -7.53 9.34
CA PHE B 103 -1.90 -7.38 9.52
C PHE B 103 -1.24 -7.00 8.20
N LYS B 104 -1.72 -7.60 7.10
CA LYS B 104 -1.21 -7.26 5.77
C LYS B 104 -1.54 -5.81 5.40
N LEU B 105 -2.76 -5.38 5.73
CA LEU B 105 -3.16 -4.00 5.44
C LEU B 105 -2.27 -3.02 6.21
N LEU B 106 -2.04 -3.28 7.49
CA LEU B 106 -1.17 -2.37 8.24
C LEU B 106 0.24 -2.29 7.64
N GLY B 107 0.82 -3.44 7.30
CA GLY B 107 2.11 -3.47 6.64
C GLY B 107 2.13 -2.64 5.38
N ASN B 108 1.06 -2.70 4.59
CA ASN B 108 1.08 -1.97 3.34
C ASN B 108 0.85 -0.48 3.56
N VAL B 109 0.09 -0.10 4.60
CA VAL B 109 0.01 1.30 4.97
C VAL B 109 1.38 1.78 5.42
N LEU B 110 2.12 0.98 6.17
CA LEU B 110 3.47 1.39 6.58
C LEU B 110 4.35 1.68 5.35
N VAL B 111 4.23 0.83 4.32
CA VAL B 111 5.01 1.06 3.11
C VAL B 111 4.58 2.37 2.42
N VAL B 112 3.28 2.64 2.35
CA VAL B 112 2.81 3.91 1.79
C VAL B 112 3.34 5.09 2.61
N VAL B 113 3.35 4.95 3.94
CA VAL B 113 3.83 6.03 4.79
C VAL B 113 5.35 6.22 4.70
N LEU B 114 6.11 5.14 4.61
CA LEU B 114 7.57 5.30 4.38
C LEU B 114 7.82 6.06 3.08
N SER B 115 7.05 5.72 2.05
CA SER B 115 7.14 6.41 0.77
C SER B 115 6.81 7.90 0.90
N HIS B 116 5.70 8.19 1.56
CA HIS B 116 5.27 9.54 1.87
C HIS B 116 6.36 10.35 2.59
N HIS B 117 6.96 9.72 3.57
CA HIS B 117 7.95 10.33 4.45
C HIS B 117 9.29 10.56 3.77
N LEU B 118 9.72 9.60 2.96
CA LEU B 118 11.10 9.56 2.45
C LEU B 118 11.26 10.00 1.01
N GLY B 119 10.16 10.05 0.25
CA GLY B 119 10.23 10.49 -1.14
C GLY B 119 11.20 9.64 -1.95
N GLY B 120 12.00 10.29 -2.79
CA GLY B 120 12.86 9.60 -3.74
C GLY B 120 13.80 8.56 -3.17
N GLU B 121 14.16 8.74 -1.91
CA GLU B 121 15.02 7.81 -1.20
C GLU B 121 14.36 6.43 -1.04
N PHE B 122 13.03 6.41 -0.99
CA PHE B 122 12.29 5.16 -0.95
C PHE B 122 12.09 4.67 -2.38
N THR B 123 13.14 4.06 -2.90
CA THR B 123 13.21 3.66 -4.30
C THR B 123 12.37 2.42 -4.55
N PRO B 124 12.16 2.06 -5.82
CA PRO B 124 11.49 0.78 -6.07
C PRO B 124 12.26 -0.42 -5.46
N GLN B 125 13.59 -0.34 -5.43
CA GLN B 125 14.42 -1.38 -4.80
C GLN B 125 14.25 -1.42 -3.28
N ALA B 126 14.28 -0.25 -2.68
CA ALA B 126 14.03 -0.15 -1.24
C ALA B 126 12.66 -0.74 -0.92
N GLN B 127 11.66 -0.45 -1.76
CA GLN B 127 10.33 -0.95 -1.49
C GLN B 127 10.28 -2.46 -1.53
N ALA B 128 11.00 -3.07 -2.48
CA ALA B 128 10.98 -4.52 -2.59
C ALA B 128 11.42 -5.19 -1.30
N ALA B 129 12.47 -4.64 -0.68
CA ALA B 129 12.96 -5.21 0.58
C ALA B 129 11.95 -4.99 1.71
N TRP B 130 11.36 -3.80 1.74
CA TRP B 130 10.39 -3.49 2.77
C TRP B 130 9.12 -4.32 2.63
N GLN B 131 8.76 -4.68 1.40
CA GLN B 131 7.59 -5.56 1.26
C GLN B 131 7.88 -6.92 1.89
N LYS B 132 9.11 -7.40 1.77
CA LYS B 132 9.49 -8.65 2.41
C LYS B 132 9.41 -8.54 3.92
N VAL B 133 9.84 -7.41 4.46
CA VAL B 133 9.77 -7.16 5.90
C VAL B 133 8.33 -7.18 6.40
N VAL B 134 7.44 -6.41 5.77
CA VAL B 134 6.09 -6.32 6.32
C VAL B 134 5.31 -7.64 6.09
N SER B 135 5.62 -8.35 5.01
CA SER B 135 5.02 -9.67 4.80
C SER B 135 5.46 -10.64 5.88
N GLY B 136 6.75 -10.58 6.22
CA GLY B 136 7.31 -11.45 7.23
C GLY B 136 6.68 -11.17 8.58
N VAL B 137 6.51 -9.90 8.92
CA VAL B 137 5.89 -9.55 10.19
C VAL B 137 4.43 -9.98 10.23
N ALA B 138 3.69 -9.76 9.16
CA ALA B 138 2.29 -10.17 9.11
C ALA B 138 2.15 -11.68 9.23
N ASN B 139 3.03 -12.41 8.57
CA ASN B 139 2.98 -13.86 8.64
C ASN B 139 3.28 -14.36 10.04
N ALA B 140 4.24 -13.72 10.70
CA ALA B 140 4.63 -14.12 12.05
C ALA B 140 3.49 -13.86 13.02
N LEU B 141 2.79 -12.75 12.84
CA LEU B 141 1.67 -12.41 13.72
C LEU B 141 0.49 -13.32 13.51
N ALA B 142 0.35 -13.85 12.29
CA ALA B 142 -0.78 -14.69 11.96
C ALA B 142 -0.59 -16.13 12.42
N HIS B 143 0.57 -16.44 12.98
CA HIS B 143 0.89 -17.85 13.22
C HIS B 143 0.02 -18.55 14.27
N LYS B 144 -0.37 -17.86 15.34
CA LYS B 144 -1.22 -18.49 16.36
C LYS B 144 -2.60 -18.83 15.82
N TYR B 145 -3.00 -18.15 14.74
CA TYR B 145 -4.27 -18.44 14.09
C TYR B 145 -4.20 -19.77 13.34
N HIS B 146 -2.99 -20.25 13.10
CA HIS B 146 -2.79 -21.46 12.31
C HIS B 146 -2.76 -22.73 13.17
#